data_5HXQ
#
_entry.id   5HXQ
#
_cell.length_a   59.752
_cell.length_b   66.800
_cell.length_c   128.726
_cell.angle_alpha   90.00
_cell.angle_beta   90.00
_cell.angle_gamma   90.00
#
_symmetry.space_group_name_H-M   'P 21 21 21'
#
loop_
_entity.id
_entity.type
_entity.pdbx_description
1 polymer '(2Z,6Z)-farnesyl diphosphate synthase, chloroplastic'
2 non-polymer 'DIMETHYLALLYL S-THIOLODIPHOSPHATE'
3 non-polymer 1,4,7,10,13,16-HEXAOXACYCLOOCTADECANE
4 water water
#
_entity_poly.entity_id   1
_entity_poly.type   'polypeptide(L)'
_entity_poly.pdbx_seq_one_letter_code
;MLDEALMPKHIALIMDGNRRWAKDKGLDVSEGYKHLFPKLKEICDISSKLGIQVITAFAFSTENWKRAKGEVDFLMQMFE
ELYDEFSRSGVRVSIIGCKTDLPMTLQKCIALTEETTKGNKGLHLVIALNYGGYYDILQATKSIVNKAMNGLLDVEDINK
NLFDQELESKCPNPDLLIRTGGDQRVSNFLLWQLAYTEFYFTKTLFPDFGEEDLKEAIINFQQRHRRFGGHTY
;
_entity_poly.pdbx_strand_id   A,C
#
# COMPACT_ATOMS: atom_id res chain seq x y z
N LEU A 6 3.13 21.51 11.99
CA LEU A 6 2.57 20.26 11.41
C LEU A 6 3.35 19.85 10.15
N MET A 7 4.65 19.62 10.31
CA MET A 7 5.52 19.25 9.20
C MET A 7 5.73 17.72 9.20
N PRO A 8 5.59 17.07 8.03
CA PRO A 8 5.88 15.63 7.98
C PRO A 8 7.38 15.38 8.16
N LYS A 9 7.72 14.47 9.05
CA LYS A 9 9.13 14.15 9.30
C LYS A 9 9.75 13.28 8.21
N HIS A 10 8.95 12.39 7.63
CA HIS A 10 9.41 11.42 6.64
C HIS A 10 8.49 11.54 5.43
N ILE A 11 9.05 11.95 4.31
CA ILE A 11 8.33 11.97 3.05
C ILE A 11 8.89 10.86 2.15
N ALA A 12 7.99 10.09 1.53
CA ALA A 12 8.37 9.12 0.49
C ALA A 12 8.05 9.72 -0.88
N LEU A 13 8.91 9.46 -1.86
CA LEU A 13 8.78 10.01 -3.19
C LEU A 13 8.84 8.90 -4.21
N ILE A 14 7.83 8.82 -5.07
CA ILE A 14 7.93 7.98 -6.24
C ILE A 14 8.22 8.92 -7.40
N MET A 15 9.47 8.86 -7.88
CA MET A 15 10.01 9.86 -8.82
C MET A 15 9.68 9.47 -10.27
N ASP A 16 8.40 9.50 -10.60
CA ASP A 16 7.95 9.04 -11.92
C ASP A 16 7.77 10.23 -12.88
N GLY A 17 7.84 9.93 -14.17
CA GLY A 17 7.55 10.92 -15.23
C GLY A 17 8.76 11.42 -16.02
N ASN A 18 9.95 10.90 -15.72
CA ASN A 18 11.19 11.37 -16.36
C ASN A 18 11.25 11.06 -17.84
N ARG A 19 10.92 9.81 -18.22
CA ARG A 19 10.90 9.42 -19.63
C ARG A 19 9.85 10.19 -20.42
N ARG A 20 8.66 10.31 -19.85
CA ARG A 20 7.56 11.04 -20.48
C ARG A 20 7.93 12.52 -20.65
N TRP A 21 8.61 13.07 -19.65
CA TRP A 21 9.01 14.47 -19.69
C TRP A 21 9.88 14.71 -20.95
N ALA A 22 10.87 13.86 -21.16
CA ALA A 22 11.80 13.98 -22.28
C ALA A 22 11.15 13.70 -23.62
N LYS A 23 10.35 12.65 -23.70
CA LYS A 23 9.67 12.33 -24.96
C LYS A 23 8.69 13.43 -25.37
N ASP A 24 7.94 13.98 -24.42
CA ASP A 24 7.00 15.05 -24.73
C ASP A 24 7.77 16.30 -25.21
N LYS A 25 8.95 16.51 -24.67
CA LYS A 25 9.77 17.65 -25.08
C LYS A 25 10.54 17.45 -26.38
N GLY A 26 10.54 16.24 -26.92
CA GLY A 26 11.31 15.92 -28.12
C GLY A 26 12.79 15.74 -27.83
N LEU A 27 13.10 15.36 -26.60
CA LEU A 27 14.47 15.17 -26.15
C LEU A 27 14.74 13.66 -26.07
N ASP A 28 16.01 13.26 -26.12
CA ASP A 28 16.34 11.85 -25.90
C ASP A 28 15.93 11.48 -24.48
N VAL A 29 15.46 10.25 -24.30
CA VAL A 29 15.06 9.77 -22.96
C VAL A 29 16.15 9.98 -21.89
N SER A 30 17.41 9.92 -22.29
CA SER A 30 18.53 10.12 -21.37
C SER A 30 18.53 11.50 -20.75
N GLU A 31 17.99 12.50 -21.46
CA GLU A 31 17.90 13.86 -20.92
C GLU A 31 16.93 13.95 -19.75
N GLY A 32 15.85 13.17 -19.77
CA GLY A 32 14.94 13.12 -18.63
C GLY A 32 15.64 12.54 -17.41
N TYR A 33 16.38 11.47 -17.63
CA TYR A 33 17.05 10.79 -16.54
C TYR A 33 18.16 11.61 -15.90
N LYS A 34 18.83 12.43 -16.70
CA LYS A 34 19.89 13.32 -16.19
C LYS A 34 19.39 14.34 -15.17
N HIS A 35 18.08 14.60 -15.12
CA HIS A 35 17.50 15.50 -14.13
C HIS A 35 17.17 14.82 -12.80
N LEU A 36 17.22 13.48 -12.76
CA LEU A 36 16.74 12.74 -11.60
C LEU A 36 17.45 13.16 -10.31
N PHE A 37 18.77 12.99 -10.23
CA PHE A 37 19.48 13.34 -9.00
C PHE A 37 19.60 14.84 -8.70
N PRO A 38 19.87 15.68 -9.74
CA PRO A 38 19.83 17.13 -9.45
C PRO A 38 18.46 17.56 -8.89
N LYS A 39 17.37 16.99 -9.40
CA LYS A 39 16.07 17.34 -8.87
C LYS A 39 15.89 16.84 -7.45
N LEU A 40 16.24 15.58 -7.20
CA LEU A 40 16.19 15.02 -5.84
C LEU A 40 17.03 15.83 -4.83
N LYS A 41 18.22 16.22 -5.25
CA LYS A 41 19.12 17.08 -4.45
C LYS A 41 18.43 18.42 -4.11
N GLU A 42 17.81 19.04 -5.10
CA GLU A 42 17.03 20.28 -4.88
C GLU A 42 15.87 20.08 -3.89
N ILE A 43 15.17 18.95 -4.01
CA ILE A 43 14.09 18.62 -3.09
C ILE A 43 14.59 18.38 -1.67
N CYS A 44 15.80 17.82 -1.56
CA CYS A 44 16.42 17.61 -0.25
C CYS A 44 16.73 18.96 0.43
N ASP A 45 17.31 19.88 -0.31
CA ASP A 45 17.67 21.20 0.25
C ASP A 45 16.43 21.93 0.75
N ILE A 46 15.42 22.02 -0.11
CA ILE A 46 14.14 22.63 0.25
C ILE A 46 13.55 21.98 1.50
N SER A 47 13.47 20.65 1.50
CA SER A 47 12.86 19.91 2.60
C SER A 47 13.66 20.06 3.89
N SER A 48 14.98 20.14 3.75
CA SER A 48 15.84 20.30 4.91
C SER A 48 15.51 21.63 5.63
N LYS A 49 15.35 22.69 4.86
CA LYS A 49 15.01 24.01 5.41
C LYS A 49 13.60 24.06 6.01
N LEU A 50 12.69 23.18 5.59
CA LEU A 50 11.35 23.12 6.16
C LEU A 50 11.30 22.27 7.43
N GLY A 51 12.41 21.65 7.81
CA GLY A 51 12.45 20.81 9.00
C GLY A 51 12.18 19.33 8.75
N ILE A 52 12.06 18.94 7.48
CA ILE A 52 11.76 17.54 7.15
C ILE A 52 13.02 16.71 7.39
N GLN A 53 12.89 15.62 8.13
CA GLN A 53 14.04 14.85 8.61
C GLN A 53 14.49 13.67 7.69
N VAL A 54 13.53 13.00 7.03
CA VAL A 54 13.83 11.86 6.15
C VAL A 54 13.09 11.95 4.82
N ILE A 55 13.79 11.64 3.74
CA ILE A 55 13.18 11.40 2.43
C ILE A 55 13.57 9.99 1.90
N THR A 56 12.57 9.19 1.53
CA THR A 56 12.85 7.88 0.89
C THR A 56 12.36 7.96 -0.54
N ALA A 57 13.27 7.81 -1.48
CA ALA A 57 12.99 8.12 -2.89
C ALA A 57 13.15 6.87 -3.74
N PHE A 58 12.12 6.57 -4.52
CA PHE A 58 12.10 5.38 -5.37
C PHE A 58 12.78 5.73 -6.70
N ALA A 59 13.95 5.16 -6.96
CA ALA A 59 14.74 5.48 -8.16
C ALA A 59 14.77 4.39 -9.24
N PHE A 60 14.68 3.12 -8.83
CA PHE A 60 14.76 1.99 -9.77
C PHE A 60 14.10 0.81 -9.04
N SER A 61 13.03 0.29 -9.62
CA SER A 61 12.36 -0.87 -9.06
C SER A 61 13.03 -2.18 -9.51
N THR A 62 12.76 -3.27 -8.77
CA THR A 62 13.15 -4.62 -9.20
C THR A 62 12.55 -5.00 -10.55
N GLU A 63 11.47 -4.34 -10.96
CA GLU A 63 10.88 -4.54 -12.29
C GLU A 63 11.58 -3.79 -13.44
N ASN A 64 12.29 -2.70 -13.14
CA ASN A 64 12.85 -1.86 -14.21
C ASN A 64 13.96 -2.52 -15.03
N TRP A 65 14.47 -3.67 -14.59
CA TRP A 65 15.36 -4.50 -15.42
C TRP A 65 14.70 -4.93 -16.74
N LYS A 66 13.36 -4.98 -16.76
CA LYS A 66 12.59 -5.31 -17.95
C LYS A 66 12.54 -4.19 -19.01
N ARG A 67 13.06 -3.01 -18.69
CA ARG A 67 13.10 -1.91 -19.66
C ARG A 67 14.13 -2.20 -20.75
N ALA A 68 14.12 -1.38 -21.81
CA ALA A 68 15.08 -1.51 -22.90
C ALA A 68 16.51 -1.48 -22.36
N LYS A 69 17.32 -2.44 -22.80
CA LYS A 69 18.71 -2.58 -22.35
C LYS A 69 19.50 -1.27 -22.45
N GLY A 70 19.26 -0.49 -23.50
CA GLY A 70 19.93 0.79 -23.69
C GLY A 70 19.63 1.81 -22.61
N GLU A 71 18.38 1.81 -22.14
CA GLU A 71 17.98 2.70 -21.05
C GLU A 71 18.51 2.18 -19.70
N VAL A 72 18.42 0.88 -19.49
CA VAL A 72 18.92 0.27 -18.25
C VAL A 72 20.43 0.47 -18.13
N ASP A 73 21.18 0.30 -19.22
CA ASP A 73 22.63 0.52 -19.18
C ASP A 73 22.92 1.98 -18.89
N PHE A 74 22.17 2.87 -19.53
CA PHE A 74 22.35 4.30 -19.29
C PHE A 74 22.11 4.62 -17.83
N LEU A 75 21.02 4.09 -17.29
CA LEU A 75 20.65 4.34 -15.91
C LEU A 75 21.75 3.79 -14.99
N MET A 76 22.20 2.58 -15.25
CA MET A 76 23.19 1.97 -14.36
C MET A 76 24.47 2.78 -14.35
N GLN A 77 24.95 3.22 -15.52
CA GLN A 77 26.06 4.17 -15.59
C GLN A 77 25.71 5.48 -14.85
N MET A 78 24.52 6.02 -15.11
CA MET A 78 24.16 7.32 -14.54
C MET A 78 24.10 7.33 -13.01
N PHE A 79 23.72 6.20 -12.42
CA PHE A 79 23.58 6.11 -10.95
C PHE A 79 24.95 6.26 -10.24
N GLU A 80 26.03 6.03 -10.97
CA GLU A 80 27.39 6.23 -10.44
C GLU A 80 27.72 7.69 -10.11
N GLU A 81 26.91 8.62 -10.62
CA GLU A 81 27.07 10.04 -10.31
C GLU A 81 26.53 10.41 -8.93
N LEU A 82 25.94 9.44 -8.23
CA LEU A 82 25.49 9.63 -6.85
C LEU A 82 26.52 10.41 -6.02
N TYR A 83 27.76 9.93 -6.07
CA TYR A 83 28.81 10.43 -5.18
C TYR A 83 29.05 11.92 -5.41
N ASP A 84 29.25 12.31 -6.67
CA ASP A 84 29.48 13.73 -7.00
C ASP A 84 28.31 14.58 -6.51
N GLU A 85 27.10 14.09 -6.77
CA GLU A 85 25.87 14.81 -6.38
C GLU A 85 25.78 15.02 -4.88
N PHE A 86 26.09 13.98 -4.10
CA PHE A 86 25.78 14.00 -2.66
C PHE A 86 26.94 13.95 -1.67
N SER A 87 28.14 13.52 -2.09
CA SER A 87 29.28 13.37 -1.14
C SER A 87 29.48 14.59 -0.23
N ARG A 88 29.48 15.79 -0.81
CA ARG A 88 29.68 17.02 -0.03
C ARG A 88 28.43 17.88 0.13
N SER A 89 27.25 17.27 0.03
CA SER A 89 25.98 18.01 0.09
C SER A 89 25.44 18.25 1.52
N GLY A 90 26.03 17.61 2.53
CA GLY A 90 25.48 17.68 3.90
C GLY A 90 24.35 16.70 4.24
N VAL A 91 23.85 15.98 3.23
CA VAL A 91 22.79 14.99 3.40
C VAL A 91 23.38 13.64 3.80
N ARG A 92 22.73 12.92 4.69
CA ARG A 92 23.13 11.54 5.01
C ARG A 92 22.44 10.56 4.03
N VAL A 93 23.24 9.84 3.24
CA VAL A 93 22.70 8.99 2.18
C VAL A 93 22.82 7.51 2.49
N SER A 94 21.67 6.82 2.43
CA SER A 94 21.60 5.36 2.44
C SER A 94 20.89 4.85 1.17
N ILE A 95 21.34 3.70 0.65
CA ILE A 95 20.65 3.04 -0.45
C ILE A 95 20.00 1.77 0.11
N ILE A 96 18.74 1.53 -0.23
CA ILE A 96 18.11 0.23 0.06
C ILE A 96 17.79 -0.49 -1.25
N GLY A 97 17.65 -1.81 -1.16
CA GLY A 97 17.40 -2.65 -2.33
C GLY A 97 18.50 -3.68 -2.47
N CYS A 98 18.44 -4.48 -3.55
CA CYS A 98 19.40 -5.56 -3.77
C CYS A 98 20.65 -5.03 -4.48
N LYS A 99 21.68 -4.75 -3.71
CA LYS A 99 22.87 -4.12 -4.26
C LYS A 99 23.72 -5.10 -5.08
N THR A 100 23.61 -6.39 -4.78
CA THR A 100 24.48 -7.37 -5.42
C THR A 100 24.14 -7.67 -6.89
N ASP A 101 22.97 -7.22 -7.37
CA ASP A 101 22.65 -7.29 -8.81
C ASP A 101 23.31 -6.16 -9.60
N LEU A 102 23.75 -5.10 -8.92
CA LEU A 102 24.24 -3.93 -9.62
C LEU A 102 25.67 -4.20 -10.10
N PRO A 103 26.11 -3.51 -11.16
CA PRO A 103 27.51 -3.60 -11.56
C PRO A 103 28.43 -3.27 -10.38
N MET A 104 29.58 -3.96 -10.30
CA MET A 104 30.44 -3.81 -9.12
C MET A 104 30.85 -2.36 -8.91
N THR A 105 31.10 -1.63 -9.99
CA THR A 105 31.52 -0.22 -9.87
C THR A 105 30.41 0.63 -9.25
N LEU A 106 29.16 0.38 -9.65
CA LEU A 106 28.05 1.04 -8.99
C LEU A 106 27.97 0.63 -7.51
N GLN A 107 28.16 -0.65 -7.20
CA GLN A 107 28.18 -1.11 -5.80
C GLN A 107 29.24 -0.36 -4.95
N LYS A 108 30.42 -0.18 -5.55
CA LYS A 108 31.52 0.57 -4.92
C LYS A 108 31.16 2.04 -4.72
N CYS A 109 30.65 2.65 -5.78
CA CYS A 109 30.20 4.05 -5.74
C CYS A 109 29.17 4.27 -4.63
N ILE A 110 28.18 3.37 -4.56
CA ILE A 110 27.16 3.45 -3.53
C ILE A 110 27.76 3.34 -2.13
N ALA A 111 28.62 2.35 -1.92
CA ALA A 111 29.25 2.15 -0.60
C ALA A 111 30.07 3.39 -0.19
N LEU A 112 30.69 3.99 -1.18
CA LEU A 112 31.54 5.17 -0.96
C LEU A 112 30.69 6.36 -0.50
N THR A 113 29.53 6.55 -1.14
CA THR A 113 28.62 7.64 -0.79
C THR A 113 28.04 7.49 0.58
N GLU A 114 27.66 6.26 0.93
CA GLU A 114 27.14 5.97 2.26
C GLU A 114 28.22 6.22 3.31
N GLU A 115 29.44 5.80 3.00
CA GLU A 115 30.56 5.86 3.95
C GLU A 115 30.94 7.30 4.24
N THR A 116 31.02 8.12 3.19
CA THR A 116 31.46 9.51 3.32
C THR A 116 30.41 10.45 3.89
N THR A 117 29.14 10.06 3.84
CA THR A 117 28.05 10.87 4.39
C THR A 117 27.51 10.33 5.70
N LYS A 118 28.07 9.24 6.21
CA LYS A 118 27.51 8.56 7.39
C LYS A 118 27.51 9.41 8.67
N GLY A 119 28.41 10.38 8.75
CA GLY A 119 28.46 11.31 9.88
C GLY A 119 27.68 12.61 9.70
N ASN A 120 26.93 12.74 8.61
CA ASN A 120 26.10 13.93 8.41
C ASN A 120 24.87 13.91 9.29
N LYS A 121 24.52 15.06 9.83
CA LYS A 121 23.56 15.15 10.94
C LYS A 121 22.21 15.68 10.49
N GLY A 122 22.15 16.29 9.30
CA GLY A 122 20.90 16.81 8.76
C GLY A 122 19.97 15.76 8.15
N LEU A 123 19.42 16.06 6.98
CA LEU A 123 18.40 15.22 6.37
C LEU A 123 18.92 13.86 5.94
N HIS A 124 18.18 12.80 6.26
CA HIS A 124 18.54 11.44 5.86
C HIS A 124 17.80 11.08 4.57
N LEU A 125 18.58 10.92 3.49
CA LEU A 125 18.05 10.56 2.19
C LEU A 125 18.25 9.07 1.93
N VAL A 126 17.14 8.35 1.87
CA VAL A 126 17.16 6.91 1.57
C VAL A 126 16.76 6.73 0.11
N ILE A 127 17.67 6.19 -0.69
CA ILE A 127 17.39 5.97 -2.10
C ILE A 127 17.11 4.48 -2.33
N ALA A 128 15.92 4.17 -2.84
CA ALA A 128 15.53 2.80 -3.16
C ALA A 128 15.94 2.47 -4.59
N LEU A 129 16.96 1.63 -4.71
CA LEU A 129 17.55 1.29 -5.98
C LEU A 129 17.60 -0.23 -6.11
N ASN A 130 16.98 -0.76 -7.15
CA ASN A 130 16.72 -2.21 -7.26
C ASN A 130 15.99 -2.71 -6.04
N TYR A 131 14.92 -1.99 -5.71
CA TYR A 131 14.13 -2.25 -4.52
C TYR A 131 12.74 -2.64 -4.93
N GLY A 132 12.12 -3.49 -4.14
CA GLY A 132 10.67 -3.74 -4.23
C GLY A 132 10.17 -4.13 -2.86
N GLY A 133 8.93 -3.73 -2.56
CA GLY A 133 8.28 -4.03 -1.29
C GLY A 133 8.15 -5.52 -1.02
N TYR A 134 7.80 -6.30 -2.05
CA TYR A 134 7.77 -7.75 -1.89
C TYR A 134 9.11 -8.27 -1.39
N TYR A 135 10.16 -7.79 -2.04
CA TYR A 135 11.48 -8.29 -1.80
C TYR A 135 12.00 -7.83 -0.44
N ASP A 136 11.62 -6.64 0.01
CA ASP A 136 11.91 -6.20 1.38
C ASP A 136 11.27 -7.16 2.39
N ILE A 137 10.00 -7.48 2.18
CA ILE A 137 9.24 -8.34 3.07
C ILE A 137 9.78 -9.77 3.03
N LEU A 138 10.17 -10.23 1.84
CA LEU A 138 10.70 -11.58 1.69
C LEU A 138 12.07 -11.79 2.37
N GLN A 139 13.00 -10.84 2.19
CA GLN A 139 14.30 -10.92 2.89
C GLN A 139 14.14 -10.87 4.42
N ALA A 140 13.19 -10.07 4.90
CA ALA A 140 12.88 -10.00 6.34
C ALA A 140 12.36 -11.35 6.83
N THR A 141 11.40 -11.89 6.08
CA THR A 141 10.85 -13.21 6.39
C THR A 141 11.93 -14.29 6.42
N LYS A 142 12.81 -14.31 5.42
CA LYS A 142 13.90 -15.30 5.38
C LYS A 142 14.80 -15.17 6.60
N SER A 143 15.04 -13.93 7.00
CA SER A 143 15.84 -13.62 8.17
C SER A 143 15.18 -14.13 9.47
N ILE A 144 13.87 -13.97 9.56
CA ILE A 144 13.11 -14.46 10.70
C ILE A 144 13.07 -15.98 10.73
N VAL A 145 12.98 -16.61 9.57
CA VAL A 145 12.95 -18.07 9.50
C VAL A 145 14.30 -18.64 9.95
N ASN A 146 15.38 -18.04 9.47
CA ASN A 146 16.73 -18.45 9.83
C ASN A 146 17.02 -18.39 11.32
N LYS A 147 16.55 -17.32 11.95
CA LYS A 147 16.70 -17.15 13.38
C LYS A 147 15.87 -18.16 14.16
N ALA A 148 14.68 -18.48 13.65
CA ALA A 148 13.85 -19.53 14.25
C ALA A 148 14.51 -20.88 14.12
N MET A 149 15.11 -21.14 12.95
CA MET A 149 15.76 -22.41 12.67
C MET A 149 17.07 -22.61 13.47
N ASN A 150 17.65 -21.52 13.97
CA ASN A 150 18.82 -21.61 14.86
C ASN A 150 18.48 -21.36 16.34
N GLY A 151 17.23 -21.61 16.72
CA GLY A 151 16.80 -21.44 18.12
C GLY A 151 16.87 -20.03 18.70
N LEU A 152 17.11 -19.03 17.86
CA LEU A 152 17.25 -17.66 18.34
C LEU A 152 15.90 -16.96 18.56
N LEU A 153 14.81 -17.54 18.07
CA LEU A 153 13.49 -16.98 18.35
C LEU A 153 12.40 -18.02 18.22
N ASP A 154 11.29 -17.76 18.92
CA ASP A 154 10.12 -18.61 18.89
C ASP A 154 9.06 -17.98 18.00
N VAL A 155 8.02 -18.75 17.69
CA VAL A 155 6.92 -18.31 16.84
C VAL A 155 6.11 -17.21 17.54
N GLU A 156 6.15 -17.21 18.87
CA GLU A 156 5.45 -16.22 19.68
C GLU A 156 6.14 -14.86 19.65
N ASP A 157 7.43 -14.84 19.31
CA ASP A 157 8.21 -13.60 19.17
C ASP A 157 7.92 -12.83 17.86
N ILE A 158 7.24 -13.46 16.90
CA ILE A 158 7.05 -12.85 15.59
C ILE A 158 5.91 -11.84 15.63
N ASN A 159 6.27 -10.56 15.60
CA ASN A 159 5.30 -9.49 15.71
C ASN A 159 5.68 -8.30 14.84
N LYS A 160 4.85 -7.27 14.83
CA LYS A 160 5.11 -6.04 14.07
C LYS A 160 6.49 -5.46 14.35
N ASN A 161 6.86 -5.35 15.62
CA ASN A 161 8.17 -4.81 16.02
C ASN A 161 9.33 -5.55 15.39
N LEU A 162 9.25 -6.89 15.34
CA LEU A 162 10.31 -7.71 14.76
C LEU A 162 10.48 -7.45 13.26
N PHE A 163 9.36 -7.35 12.55
CA PHE A 163 9.40 -6.99 11.15
C PHE A 163 9.99 -5.61 10.94
N ASP A 164 9.53 -4.65 11.71
CA ASP A 164 10.12 -3.31 11.69
C ASP A 164 11.65 -3.33 11.83
N GLN A 165 12.19 -4.25 12.62
CA GLN A 165 13.66 -4.36 12.78
C GLN A 165 14.32 -5.02 11.58
N GLU A 166 13.63 -5.99 10.99
CA GLU A 166 14.19 -6.80 9.89
C GLU A 166 14.08 -6.15 8.49
N LEU A 167 13.17 -5.18 8.32
CA LEU A 167 12.94 -4.56 7.01
C LEU A 167 14.05 -3.57 6.70
N GLU A 168 14.24 -3.28 5.42
CA GLU A 168 15.28 -2.34 4.99
C GLU A 168 14.94 -0.89 5.25
N SER A 169 13.69 -0.51 4.96
CA SER A 169 13.23 0.85 5.25
C SER A 169 12.71 0.82 6.67
N LYS A 170 13.34 1.63 7.52
CA LYS A 170 13.16 1.59 8.98
C LYS A 170 12.13 2.61 9.48
N CYS A 171 11.58 2.35 10.66
CA CYS A 171 10.83 3.37 11.40
C CYS A 171 11.73 4.59 11.66
N PRO A 172 11.14 5.80 11.70
CA PRO A 172 9.73 6.10 11.52
C PRO A 172 9.30 6.01 10.05
N ASN A 173 8.07 5.55 9.82
CA ASN A 173 7.56 5.35 8.47
C ASN A 173 7.10 6.65 7.82
N PRO A 174 6.99 6.67 6.48
CA PRO A 174 6.54 7.90 5.83
C PRO A 174 5.21 8.42 6.36
N ASP A 175 5.18 9.73 6.61
CA ASP A 175 3.95 10.42 6.95
C ASP A 175 3.20 10.77 5.67
N LEU A 176 3.95 11.11 4.63
CA LEU A 176 3.39 11.53 3.35
C LEU A 176 4.12 10.83 2.23
N LEU A 177 3.39 10.36 1.22
CA LEU A 177 3.99 9.89 -0.02
C LEU A 177 3.54 10.76 -1.16
N ILE A 178 4.50 11.18 -1.98
CA ILE A 178 4.24 11.99 -3.16
C ILE A 178 4.64 11.18 -4.38
N ARG A 179 3.71 11.02 -5.32
CA ARG A 179 4.02 10.40 -6.59
C ARG A 179 3.72 11.37 -7.73
N THR A 180 4.77 11.68 -8.48
CA THR A 180 4.68 12.50 -9.68
C THR A 180 4.30 11.62 -10.85
N GLY A 181 3.89 12.23 -11.95
CA GLY A 181 3.68 11.51 -13.19
C GLY A 181 2.26 11.04 -13.46
N GLY A 182 1.33 11.30 -12.54
CA GLY A 182 -0.08 11.10 -12.82
C GLY A 182 -0.72 9.76 -12.45
N ASP A 183 0.06 8.69 -12.29
CA ASP A 183 -0.55 7.41 -11.90
C ASP A 183 -0.79 7.31 -10.40
N GLN A 184 -1.88 6.63 -10.02
CA GLN A 184 -2.24 6.48 -8.61
C GLN A 184 -2.04 5.03 -8.13
N ARG A 185 -0.76 4.65 -8.05
CA ARG A 185 -0.34 3.32 -7.56
C ARG A 185 0.92 3.50 -6.74
N VAL A 186 1.24 2.49 -5.94
CA VAL A 186 2.54 2.50 -5.23
C VAL A 186 3.61 1.69 -5.97
N SER A 187 3.21 0.89 -6.96
CA SER A 187 4.13 0.14 -7.82
C SER A 187 5.23 -0.62 -7.03
N ASN A 188 4.82 -1.41 -6.05
CA ASN A 188 5.74 -2.24 -5.27
C ASN A 188 6.90 -1.44 -4.63
N PHE A 189 6.58 -0.28 -4.09
CA PHE A 189 7.51 0.53 -3.30
C PHE A 189 7.35 0.00 -1.87
N LEU A 190 7.28 0.87 -0.86
CA LEU A 190 7.37 0.47 0.55
C LEU A 190 6.08 -0.08 1.16
N LEU A 191 5.71 -1.31 0.81
CA LEU A 191 4.36 -1.82 1.12
C LEU A 191 4.01 -1.85 2.63
N TRP A 192 4.88 -2.47 3.42
CA TRP A 192 4.66 -2.57 4.86
C TRP A 192 4.66 -1.18 5.49
N GLN A 193 5.61 -0.36 5.05
CA GLN A 193 5.90 0.93 5.64
C GLN A 193 4.84 2.00 5.32
N LEU A 194 4.01 1.77 4.31
CA LEU A 194 3.00 2.74 3.90
C LEU A 194 1.62 2.51 4.49
N ALA A 195 1.53 1.73 5.55
CA ALA A 195 0.23 1.33 6.11
C ALA A 195 -0.68 2.49 6.55
N TYR A 196 -0.08 3.56 7.09
CA TYR A 196 -0.85 4.76 7.50
C TYR A 196 -0.43 6.07 6.84
N THR A 197 0.51 5.98 5.90
CA THR A 197 0.99 7.12 5.14
C THR A 197 -0.12 7.77 4.33
N GLU A 198 -0.16 9.10 4.34
CA GLU A 198 -1.09 9.82 3.48
C GLU A 198 -0.53 9.89 2.07
N PHE A 199 -1.38 9.64 1.09
CA PHE A 199 -0.94 9.66 -0.31
C PHE A 199 -1.29 10.97 -1.01
N TYR A 200 -0.35 11.45 -1.82
CA TYR A 200 -0.58 12.61 -2.64
C TYR A 200 -0.10 12.33 -4.06
N PHE A 201 -1.00 12.42 -5.03
CA PHE A 201 -0.69 12.13 -6.43
C PHE A 201 -0.82 13.42 -7.24
N THR A 202 0.15 13.63 -8.12
CA THR A 202 0.14 14.81 -8.98
C THR A 202 0.48 14.42 -10.40
N LYS A 203 -0.14 15.11 -11.36
CA LYS A 203 0.19 14.90 -12.78
C LYS A 203 1.54 15.53 -13.14
N THR A 204 2.03 16.45 -12.31
CA THR A 204 3.34 17.05 -12.54
C THR A 204 4.40 15.98 -12.71
N LEU A 205 5.22 16.11 -13.76
CA LEU A 205 6.30 15.16 -14.00
C LEU A 205 7.50 15.49 -13.12
N PHE A 206 8.27 14.47 -12.74
CA PHE A 206 9.30 14.68 -11.74
C PHE A 206 10.26 15.83 -12.08
N PRO A 207 10.77 15.89 -13.32
CA PRO A 207 11.69 16.98 -13.61
C PRO A 207 11.08 18.40 -13.54
N ASP A 208 9.75 18.50 -13.56
CA ASP A 208 9.04 19.78 -13.37
C ASP A 208 8.62 20.06 -11.93
N PHE A 209 8.82 19.08 -11.04
CA PHE A 209 8.36 19.19 -9.66
C PHE A 209 9.18 20.21 -8.88
N GLY A 210 8.55 21.27 -8.39
CA GLY A 210 9.27 22.37 -7.78
C GLY A 210 8.90 22.64 -6.35
N GLU A 211 9.45 23.72 -5.81
CA GLU A 211 9.16 24.15 -4.44
C GLU A 211 7.66 24.39 -4.23
N GLU A 212 7.02 25.06 -5.18
CA GLU A 212 5.59 25.32 -5.05
C GLU A 212 4.77 24.05 -5.10
N ASP A 213 5.20 23.07 -5.89
CA ASP A 213 4.53 21.75 -5.92
C ASP A 213 4.70 21.00 -4.59
N LEU A 214 5.89 21.06 -4.01
CA LEU A 214 6.14 20.45 -2.69
C LEU A 214 5.28 21.11 -1.61
N LYS A 215 5.20 22.44 -1.61
CA LYS A 215 4.38 23.14 -0.61
C LYS A 215 2.89 22.78 -0.73
N GLU A 216 2.39 22.68 -1.95
CA GLU A 216 1.00 22.25 -2.17
C GLU A 216 0.74 20.86 -1.57
N ALA A 217 1.70 19.96 -1.75
CA ALA A 217 1.57 18.60 -1.22
C ALA A 217 1.55 18.62 0.31
N ILE A 218 2.44 19.42 0.89
CA ILE A 218 2.51 19.51 2.35
C ILE A 218 1.24 20.17 2.92
N ILE A 219 0.81 21.30 2.35
CA ILE A 219 -0.47 21.94 2.75
C ILE A 219 -1.59 20.93 2.73
N ASN A 220 -1.69 20.18 1.64
CA ASN A 220 -2.71 19.15 1.48
C ASN A 220 -2.63 18.08 2.57
N PHE A 221 -1.40 17.69 2.93
CA PHE A 221 -1.19 16.78 4.06
C PHE A 221 -1.69 17.35 5.40
N GLN A 222 -1.38 18.62 5.64
CA GLN A 222 -1.76 19.28 6.88
C GLN A 222 -3.28 19.34 7.04
N GLN A 223 -3.99 19.73 5.98
CA GLN A 223 -5.46 19.73 5.98
C GLN A 223 -6.04 18.36 6.27
N ARG A 224 -5.43 17.35 5.65
CA ARG A 224 -5.90 15.98 5.80
C ARG A 224 -5.59 15.46 7.19
N HIS A 225 -4.45 15.87 7.74
CA HIS A 225 -4.06 15.52 9.10
C HIS A 225 -5.01 16.13 10.13
N ARG A 226 -5.44 17.37 9.88
CA ARG A 226 -6.43 18.05 10.73
C ARG A 226 -7.78 17.34 10.69
N ARG A 227 -8.24 17.01 9.48
CA ARG A 227 -9.44 16.20 9.27
C ARG A 227 -9.30 14.80 9.88
N PHE A 228 -8.21 14.12 9.54
CA PHE A 228 -7.94 12.74 9.98
C PHE A 228 -6.55 12.64 10.59
N MET B 1 -18.21 5.22 -22.75
CA MET B 1 -16.91 5.26 -21.99
C MET B 1 -16.67 3.96 -21.22
N LEU B 2 -17.66 3.53 -20.46
CA LEU B 2 -17.53 2.32 -19.64
C LEU B 2 -17.36 1.14 -20.57
N ASP B 3 -16.17 0.54 -20.55
CA ASP B 3 -15.87 -0.58 -21.41
C ASP B 3 -16.26 -1.90 -20.73
N GLU B 4 -17.44 -2.39 -21.07
CA GLU B 4 -17.93 -3.69 -20.61
C GLU B 4 -16.83 -4.77 -20.68
N ALA B 5 -15.98 -4.69 -21.70
CA ALA B 5 -14.92 -5.66 -21.90
C ALA B 5 -13.63 -5.42 -21.08
N LEU B 6 -13.59 -4.40 -20.23
CA LEU B 6 -12.45 -4.23 -19.30
C LEU B 6 -12.90 -3.85 -17.89
N MET B 7 -13.75 -4.69 -17.32
CA MET B 7 -14.08 -4.57 -15.92
C MET B 7 -12.92 -5.08 -15.08
N PRO B 8 -12.59 -4.40 -13.99
CA PRO B 8 -11.70 -5.02 -13.03
C PRO B 8 -12.26 -6.34 -12.50
N LYS B 9 -11.41 -7.33 -12.31
CA LYS B 9 -11.87 -8.58 -11.73
C LYS B 9 -12.12 -8.42 -10.23
N HIS B 10 -11.35 -7.54 -9.57
CA HIS B 10 -11.30 -7.46 -8.13
C HIS B 10 -11.25 -6.00 -7.67
N ILE B 11 -12.28 -5.57 -6.94
CA ILE B 11 -12.30 -4.24 -6.34
C ILE B 11 -12.15 -4.37 -4.84
N ALA B 12 -11.28 -3.57 -4.26
CA ALA B 12 -11.16 -3.48 -2.80
C ALA B 12 -11.84 -2.18 -2.38
N LEU B 13 -12.51 -2.23 -1.23
CA LEU B 13 -13.36 -1.13 -0.75
C LEU B 13 -13.01 -0.76 0.66
N ILE B 14 -12.68 0.51 0.90
CA ILE B 14 -12.55 1.02 2.26
C ILE B 14 -13.79 1.88 2.54
N MET B 15 -14.69 1.35 3.36
CA MET B 15 -16.05 1.86 3.50
C MET B 15 -16.15 2.90 4.61
N ASP B 16 -15.52 4.06 4.41
CA ASP B 16 -15.38 5.06 5.47
C ASP B 16 -16.37 6.23 5.28
N GLY B 17 -16.65 6.93 6.37
CA GLY B 17 -17.53 8.10 6.35
C GLY B 17 -18.91 7.88 6.93
N ASN B 18 -19.12 6.73 7.55
CA ASN B 18 -20.41 6.38 8.15
C ASN B 18 -20.72 7.21 9.40
N ARG B 19 -19.69 7.40 10.24
CA ARG B 19 -19.84 8.20 11.45
C ARG B 19 -20.08 9.67 11.13
N ARG B 20 -19.32 10.23 10.20
CA ARG B 20 -19.45 11.64 9.84
C ARG B 20 -20.77 11.91 9.14
N TRP B 21 -21.27 10.92 8.40
CA TRP B 21 -22.58 11.03 7.76
C TRP B 21 -23.69 11.17 8.81
N ALA B 22 -23.55 10.44 9.91
CA ALA B 22 -24.51 10.51 11.01
C ALA B 22 -24.54 11.90 11.63
N LYS B 23 -23.35 12.40 12.00
CA LYS B 23 -23.21 13.75 12.57
C LYS B 23 -23.71 14.86 11.65
N ASP B 24 -23.62 14.65 10.34
CA ASP B 24 -24.12 15.64 9.37
C ASP B 24 -25.65 15.68 9.31
N LYS B 25 -26.30 14.57 9.61
CA LYS B 25 -27.75 14.52 9.70
C LYS B 25 -28.23 14.80 11.13
N GLY B 26 -27.30 15.10 12.04
CA GLY B 26 -27.59 15.26 13.46
C GLY B 26 -27.72 13.96 14.25
N LEU B 27 -27.74 12.83 13.54
CA LEU B 27 -28.10 11.55 14.11
C LEU B 27 -26.98 10.94 14.94
N ASP B 28 -27.32 9.86 15.65
CA ASP B 28 -26.33 9.12 16.44
C ASP B 28 -25.48 8.25 15.51
N VAL B 29 -24.22 8.06 15.88
CA VAL B 29 -23.27 7.27 15.10
C VAL B 29 -23.83 5.89 14.71
N SER B 30 -24.59 5.26 15.62
CA SER B 30 -25.26 4.00 15.33
C SER B 30 -26.05 4.02 14.02
N GLU B 31 -26.70 5.15 13.74
CA GLU B 31 -27.51 5.31 12.53
C GLU B 31 -26.64 5.24 11.27
N GLY B 32 -25.43 5.78 11.36
CA GLY B 32 -24.48 5.73 10.25
C GLY B 32 -24.03 4.31 9.96
N TYR B 33 -23.53 3.62 10.99
CA TYR B 33 -23.07 2.25 10.88
C TYR B 33 -24.13 1.27 10.38
N LYS B 34 -25.41 1.56 10.58
CA LYS B 34 -26.49 0.67 10.11
C LYS B 34 -26.74 0.73 8.60
N HIS B 35 -26.11 1.68 7.91
CA HIS B 35 -26.16 1.72 6.44
C HIS B 35 -25.03 0.89 5.79
N LEU B 36 -24.09 0.41 6.59
CA LEU B 36 -22.89 -0.28 6.10
C LEU B 36 -23.21 -1.50 5.24
N PHE B 37 -23.86 -2.51 5.81
CA PHE B 37 -24.16 -3.73 5.04
C PHE B 37 -25.24 -3.59 3.98
N PRO B 38 -26.26 -2.75 4.22
CA PRO B 38 -27.20 -2.49 3.12
C PRO B 38 -26.53 -1.80 1.92
N LYS B 39 -25.65 -0.85 2.19
CA LYS B 39 -24.92 -0.20 1.10
C LYS B 39 -23.97 -1.22 0.42
N LEU B 40 -23.29 -2.02 1.23
CA LEU B 40 -22.38 -3.03 0.70
C LEU B 40 -23.11 -4.00 -0.21
N LYS B 41 -24.31 -4.43 0.18
CA LYS B 41 -25.09 -5.34 -0.66
C LYS B 41 -25.48 -4.70 -1.98
N GLU B 42 -25.88 -3.45 -1.94
CA GLU B 42 -26.21 -2.69 -3.14
C GLU B 42 -24.99 -2.60 -4.08
N ILE B 43 -23.82 -2.34 -3.50
CA ILE B 43 -22.58 -2.29 -4.29
C ILE B 43 -22.32 -3.66 -4.92
N CYS B 44 -22.59 -4.74 -4.19
CA CYS B 44 -22.45 -6.10 -4.76
C CYS B 44 -23.39 -6.35 -5.94
N ASP B 45 -24.65 -5.91 -5.82
CA ASP B 45 -25.62 -6.12 -6.89
C ASP B 45 -25.22 -5.35 -8.17
N ILE B 46 -24.82 -4.10 -8.01
CA ILE B 46 -24.39 -3.30 -9.16
C ILE B 46 -23.15 -3.95 -9.79
N SER B 47 -22.21 -4.37 -8.95
CA SER B 47 -20.96 -4.97 -9.44
C SER B 47 -21.20 -6.29 -10.19
N SER B 48 -22.09 -7.15 -9.67
CA SER B 48 -22.45 -8.40 -10.35
C SER B 48 -22.95 -8.16 -11.76
N LYS B 49 -23.78 -7.15 -11.90
CA LYS B 49 -24.35 -6.79 -13.21
C LYS B 49 -23.29 -6.33 -14.19
N LEU B 50 -22.29 -5.59 -13.69
CA LEU B 50 -21.19 -5.15 -14.54
C LEU B 50 -20.18 -6.27 -14.86
N GLY B 51 -20.18 -7.35 -14.09
CA GLY B 51 -19.32 -8.49 -14.37
C GLY B 51 -18.09 -8.55 -13.47
N ILE B 52 -18.08 -7.77 -12.40
CA ILE B 52 -16.99 -7.78 -11.43
C ILE B 52 -17.07 -9.09 -10.65
N GLN B 53 -15.93 -9.75 -10.44
CA GLN B 53 -15.91 -11.10 -9.86
C GLN B 53 -15.70 -11.16 -8.36
N VAL B 54 -14.95 -10.21 -7.82
CA VAL B 54 -14.54 -10.24 -6.42
C VAL B 54 -14.58 -8.83 -5.84
N ILE B 55 -15.10 -8.69 -4.62
CA ILE B 55 -14.98 -7.45 -3.84
C ILE B 55 -14.42 -7.79 -2.49
N THR B 56 -13.41 -7.05 -2.04
CA THR B 56 -12.91 -7.22 -0.69
C THR B 56 -13.22 -5.93 0.06
N ALA B 57 -14.05 -6.04 1.12
CA ALA B 57 -14.56 -4.88 1.83
C ALA B 57 -13.99 -4.80 3.24
N PHE B 58 -13.47 -3.63 3.60
CA PHE B 58 -12.84 -3.46 4.90
C PHE B 58 -13.90 -3.07 5.93
N ALA B 59 -14.32 -4.04 6.73
CA ALA B 59 -15.45 -3.87 7.67
C ALA B 59 -14.96 -3.43 9.03
N PHE B 60 -13.90 -4.05 9.52
CA PHE B 60 -13.37 -3.75 10.85
C PHE B 60 -11.88 -4.08 10.89
N SER B 61 -11.06 -3.08 11.17
CA SER B 61 -9.62 -3.27 11.23
C SER B 61 -9.17 -3.74 12.61
N THR B 62 -7.98 -4.32 12.64
CA THR B 62 -7.31 -4.70 13.88
C THR B 62 -7.04 -3.50 14.81
N GLU B 63 -7.07 -2.28 14.28
CA GLU B 63 -6.87 -1.10 15.10
C GLU B 63 -8.18 -0.48 15.61
N ASN B 64 -9.32 -0.91 15.05
CA ASN B 64 -10.63 -0.40 15.46
C ASN B 64 -11.08 -0.86 16.86
N TRP B 65 -10.34 -1.79 17.48
CA TRP B 65 -10.59 -2.15 18.88
C TRP B 65 -10.39 -0.97 19.83
N LYS B 66 -9.49 -0.06 19.44
CA LYS B 66 -9.14 1.12 20.24
C LYS B 66 -10.21 2.21 20.29
N ARG B 67 -11.36 1.99 19.66
CA ARG B 67 -12.45 2.94 19.67
C ARG B 67 -13.31 2.80 20.93
N ALA B 68 -14.24 3.73 21.13
CA ALA B 68 -15.14 3.71 22.28
C ALA B 68 -15.80 2.36 22.41
N LYS B 69 -15.79 1.82 23.63
CA LYS B 69 -16.35 0.49 23.91
C LYS B 69 -17.81 0.38 23.47
N GLY B 70 -18.57 1.48 23.59
CA GLY B 70 -19.94 1.54 23.09
C GLY B 70 -20.03 1.28 21.60
N GLU B 71 -19.17 1.95 20.85
CA GLU B 71 -19.12 1.79 19.40
C GLU B 71 -18.65 0.40 18.96
N VAL B 72 -17.68 -0.17 19.69
CA VAL B 72 -17.15 -1.51 19.39
C VAL B 72 -18.21 -2.59 19.59
N ASP B 73 -18.87 -2.56 20.75
CA ASP B 73 -19.92 -3.53 21.08
C ASP B 73 -21.10 -3.45 20.10
N PHE B 74 -21.49 -2.24 19.73
CA PHE B 74 -22.57 -2.05 18.77
C PHE B 74 -22.24 -2.71 17.43
N LEU B 75 -21.03 -2.45 16.93
CA LEU B 75 -20.58 -3.00 15.64
C LEU B 75 -20.58 -4.53 15.64
N MET B 76 -19.98 -5.13 16.67
CA MET B 76 -19.90 -6.59 16.75
C MET B 76 -21.29 -7.22 16.72
N GLN B 77 -22.23 -6.62 17.45
CA GLN B 77 -23.62 -7.06 17.45
C GLN B 77 -24.23 -6.85 16.07
N MET B 78 -23.98 -5.70 15.47
CA MET B 78 -24.47 -5.39 14.13
C MET B 78 -23.92 -6.31 13.03
N PHE B 79 -22.66 -6.73 13.16
CA PHE B 79 -22.06 -7.64 12.17
C PHE B 79 -22.80 -8.97 12.07
N GLU B 80 -23.60 -9.31 13.09
CA GLU B 80 -24.46 -10.49 13.02
C GLU B 80 -25.52 -10.38 11.92
N GLU B 81 -25.87 -9.16 11.51
CA GLU B 81 -26.85 -8.95 10.42
C GLU B 81 -26.34 -9.44 9.05
N LEU B 82 -25.03 -9.68 8.96
CA LEU B 82 -24.38 -10.27 7.79
C LEU B 82 -25.15 -11.49 7.23
N TYR B 83 -25.61 -12.39 8.10
CA TYR B 83 -26.42 -13.52 7.64
C TYR B 83 -27.72 -13.12 6.94
N ASP B 84 -28.47 -12.19 7.53
CA ASP B 84 -29.76 -11.78 6.92
C ASP B 84 -29.54 -11.02 5.62
N GLU B 85 -28.54 -10.15 5.62
CA GLU B 85 -28.19 -9.37 4.43
C GLU B 85 -27.84 -10.25 3.23
N PHE B 86 -27.01 -11.26 3.45
CA PHE B 86 -26.38 -11.99 2.34
C PHE B 86 -26.81 -13.44 2.11
N SER B 87 -27.35 -14.12 3.11
CA SER B 87 -27.64 -15.56 2.96
C SER B 87 -28.50 -15.93 1.73
N ARG B 88 -29.42 -15.05 1.33
CA ARG B 88 -30.31 -15.36 0.21
C ARG B 88 -30.00 -14.56 -1.06
N SER B 89 -28.85 -13.88 -1.06
CA SER B 89 -28.53 -12.84 -2.05
C SER B 89 -27.90 -13.30 -3.37
N GLY B 90 -27.44 -14.55 -3.45
CA GLY B 90 -26.72 -15.00 -4.64
C GLY B 90 -25.21 -14.72 -4.60
N VAL B 91 -24.78 -13.92 -3.63
CA VAL B 91 -23.36 -13.59 -3.41
C VAL B 91 -22.70 -14.70 -2.57
N ARG B 92 -21.46 -15.06 -2.92
CA ARG B 92 -20.66 -16.01 -2.11
C ARG B 92 -19.82 -15.22 -1.13
N VAL B 93 -20.02 -15.47 0.17
CA VAL B 93 -19.38 -14.67 1.23
C VAL B 93 -18.27 -15.44 1.94
N SER B 94 -17.14 -14.75 2.16
CA SER B 94 -16.00 -15.24 2.94
C SER B 94 -15.58 -14.14 3.88
N ILE B 95 -15.09 -14.49 5.06
CA ILE B 95 -14.48 -13.51 5.96
C ILE B 95 -12.97 -13.79 6.04
N ILE B 96 -12.18 -12.73 6.11
CA ILE B 96 -10.77 -12.82 6.43
C ILE B 96 -10.49 -11.97 7.68
N GLY B 97 -9.43 -12.32 8.40
CA GLY B 97 -9.09 -11.66 9.65
C GLY B 97 -9.13 -12.66 10.79
N CYS B 98 -8.74 -12.23 11.97
CA CYS B 98 -8.63 -13.14 13.12
C CYS B 98 -10.02 -13.38 13.71
N LYS B 99 -10.61 -14.51 13.34
CA LYS B 99 -11.98 -14.86 13.71
C LYS B 99 -12.14 -15.26 15.18
N THR B 100 -11.08 -15.79 15.78
CA THR B 100 -11.16 -16.34 17.14
C THR B 100 -11.23 -15.28 18.23
N ASP B 101 -10.93 -14.02 17.90
CA ASP B 101 -11.03 -12.92 18.86
C ASP B 101 -12.35 -12.15 18.78
N LEU B 102 -13.26 -12.59 17.91
CA LEU B 102 -14.61 -12.03 17.83
C LEU B 102 -15.47 -12.75 18.86
N PRO B 103 -16.59 -12.13 19.27
CA PRO B 103 -17.53 -12.82 20.15
C PRO B 103 -18.06 -14.10 19.51
N MET B 104 -18.37 -15.10 20.34
CA MET B 104 -18.72 -16.44 19.87
C MET B 104 -19.90 -16.47 18.90
N THR B 105 -20.95 -15.71 19.18
CA THR B 105 -22.13 -15.71 18.32
C THR B 105 -21.80 -15.21 16.91
N LEU B 106 -20.96 -14.19 16.83
CA LEU B 106 -20.48 -13.67 15.54
C LEU B 106 -19.67 -14.77 14.79
N GLN B 107 -18.85 -15.54 15.50
CA GLN B 107 -18.07 -16.60 14.89
C GLN B 107 -18.95 -17.68 14.27
N LYS B 108 -20.05 -18.00 14.94
CA LYS B 108 -20.97 -19.00 14.40
C LYS B 108 -21.78 -18.42 13.28
N CYS B 109 -22.05 -17.12 13.34
CA CYS B 109 -22.81 -16.47 12.27
C CYS B 109 -22.01 -16.36 10.99
N ILE B 110 -20.72 -16.07 11.14
CA ILE B 110 -19.78 -16.03 10.03
C ILE B 110 -19.74 -17.40 9.37
N ALA B 111 -19.49 -18.43 10.19
CA ALA B 111 -19.45 -19.80 9.72
C ALA B 111 -20.73 -20.22 9.02
N LEU B 112 -21.89 -19.79 9.53
CA LEU B 112 -23.16 -20.09 8.89
C LEU B 112 -23.34 -19.34 7.58
N THR B 113 -22.99 -18.07 7.56
CA THR B 113 -23.09 -17.30 6.32
C THR B 113 -22.16 -17.88 5.23
N GLU B 114 -20.93 -18.21 5.59
CA GLU B 114 -20.00 -18.85 4.64
C GLU B 114 -20.56 -20.19 4.14
N GLU B 115 -21.00 -21.05 5.06
CA GLU B 115 -21.57 -22.35 4.65
C GLU B 115 -22.80 -22.23 3.75
N THR B 116 -23.73 -21.33 4.05
CA THR B 116 -24.97 -21.29 3.25
C THR B 116 -24.79 -20.67 1.87
N THR B 117 -23.75 -19.83 1.70
CA THR B 117 -23.47 -19.17 0.41
C THR B 117 -22.33 -19.79 -0.41
N LYS B 118 -21.72 -20.85 0.09
CA LYS B 118 -20.52 -21.39 -0.54
C LYS B 118 -20.76 -22.01 -1.91
N GLY B 119 -22.02 -22.35 -2.18
CA GLY B 119 -22.41 -22.92 -3.47
C GLY B 119 -22.74 -21.88 -4.52
N ASN B 120 -22.79 -20.61 -4.13
CA ASN B 120 -23.21 -19.55 -5.07
C ASN B 120 -22.12 -19.28 -6.09
N LYS B 121 -22.54 -19.15 -7.34
CA LYS B 121 -21.62 -19.09 -8.47
C LYS B 121 -21.34 -17.67 -8.96
N GLY B 122 -21.88 -16.66 -8.28
CA GLY B 122 -21.70 -15.28 -8.70
C GLY B 122 -20.57 -14.56 -7.99
N LEU B 123 -20.79 -13.29 -7.71
CA LEU B 123 -19.80 -12.45 -7.09
C LEU B 123 -19.33 -13.03 -5.74
N HIS B 124 -18.02 -12.96 -5.53
CA HIS B 124 -17.43 -13.37 -4.26
C HIS B 124 -17.11 -12.13 -3.43
N LEU B 125 -17.79 -12.03 -2.29
CA LEU B 125 -17.57 -10.95 -1.35
C LEU B 125 -16.72 -11.44 -0.20
N VAL B 126 -15.56 -10.81 -0.01
CA VAL B 126 -14.64 -11.12 1.04
C VAL B 126 -14.79 -9.97 2.03
N ILE B 127 -15.23 -10.27 3.24
CA ILE B 127 -15.41 -9.25 4.23
C ILE B 127 -14.24 -9.31 5.18
N ALA B 128 -13.47 -8.23 5.24
CA ALA B 128 -12.31 -8.18 6.11
C ALA B 128 -12.77 -7.68 7.48
N LEU B 129 -12.67 -8.58 8.45
CA LEU B 129 -13.31 -8.42 9.75
C LEU B 129 -12.32 -8.81 10.82
N ASN B 130 -11.91 -7.82 11.60
CA ASN B 130 -10.75 -7.90 12.45
C ASN B 130 -9.51 -8.34 11.65
N TYR B 131 -9.31 -7.66 10.53
CA TYR B 131 -8.22 -7.95 9.62
C TYR B 131 -7.30 -6.75 9.56
N GLY B 132 -6.03 -7.02 9.24
CA GLY B 132 -5.08 -5.96 8.95
C GLY B 132 -3.97 -6.49 8.05
N GLY B 133 -3.31 -5.59 7.33
CA GLY B 133 -2.20 -5.94 6.48
C GLY B 133 -1.03 -6.51 7.26
N TYR B 134 -0.69 -5.85 8.36
CA TYR B 134 0.33 -6.36 9.28
C TYR B 134 -0.04 -7.77 9.71
N TYR B 135 -1.27 -7.93 10.18
CA TYR B 135 -1.78 -9.25 10.62
C TYR B 135 -1.62 -10.35 9.55
N ASP B 136 -1.96 -10.03 8.31
CA ASP B 136 -1.97 -11.03 7.22
C ASP B 136 -0.54 -11.49 6.93
N ILE B 137 0.38 -10.54 6.88
CA ILE B 137 1.80 -10.82 6.65
C ILE B 137 2.40 -11.60 7.82
N LEU B 138 2.04 -11.22 9.05
CA LEU B 138 2.54 -11.92 10.25
C LEU B 138 2.02 -13.36 10.36
N GLN B 139 0.74 -13.59 10.05
CA GLN B 139 0.18 -14.93 10.14
C GLN B 139 0.79 -15.82 9.04
N ALA B 140 1.01 -15.24 7.85
CA ALA B 140 1.70 -15.96 6.76
C ALA B 140 3.11 -16.35 7.20
N THR B 141 3.80 -15.41 7.81
CA THR B 141 5.17 -15.62 8.27
C THR B 141 5.24 -16.69 9.36
N LYS B 142 4.32 -16.64 10.31
CA LYS B 142 4.22 -17.68 11.35
C LYS B 142 3.94 -19.04 10.77
N SER B 143 3.11 -19.10 9.73
CA SER B 143 2.84 -20.35 9.03
C SER B 143 4.08 -20.88 8.29
N ILE B 144 4.80 -20.00 7.62
CA ILE B 144 6.05 -20.39 6.93
C ILE B 144 7.13 -20.85 7.94
N VAL B 145 7.22 -20.19 9.08
CA VAL B 145 8.16 -20.59 10.13
C VAL B 145 7.82 -22.00 10.66
N ASN B 146 6.54 -22.25 10.96
CA ASN B 146 6.08 -23.59 11.36
C ASN B 146 6.48 -24.70 10.40
N LYS B 147 6.23 -24.48 9.10
CA LYS B 147 6.59 -25.47 8.09
C LYS B 147 8.10 -25.67 7.98
N ALA B 148 8.85 -24.58 8.15
CA ALA B 148 10.31 -24.64 8.08
C ALA B 148 10.87 -25.55 9.18
N MET B 149 10.43 -25.31 10.41
CA MET B 149 10.92 -26.08 11.55
C MET B 149 10.47 -27.54 11.55
N ASN B 150 9.39 -27.86 10.82
CA ASN B 150 8.93 -29.23 10.67
C ASN B 150 9.41 -29.90 9.40
N GLY B 151 10.42 -29.32 8.74
CA GLY B 151 11.04 -29.91 7.55
C GLY B 151 10.19 -29.91 6.30
N LEU B 152 9.09 -29.14 6.33
CA LEU B 152 8.13 -29.14 5.22
C LEU B 152 8.48 -28.10 4.15
N LEU B 153 9.35 -27.15 4.46
CA LEU B 153 9.98 -26.34 3.42
C LEU B 153 11.31 -25.75 3.85
N ASP B 154 12.12 -25.39 2.86
CA ASP B 154 13.44 -24.84 3.08
C ASP B 154 13.37 -23.32 2.93
N VAL B 155 14.27 -22.61 3.60
CA VAL B 155 14.36 -21.16 3.49
C VAL B 155 14.34 -20.68 2.04
N GLU B 156 14.99 -21.40 1.13
CA GLU B 156 15.03 -21.00 -0.29
C GLU B 156 13.75 -21.28 -1.09
N ASP B 157 12.74 -21.90 -0.48
CA ASP B 157 11.41 -22.00 -1.06
C ASP B 157 10.60 -20.72 -0.83
N ILE B 158 11.13 -19.84 0.01
CA ILE B 158 10.45 -18.62 0.39
C ILE B 158 10.57 -17.60 -0.75
N ASN B 159 9.48 -17.39 -1.44
CA ASN B 159 9.45 -16.45 -2.54
C ASN B 159 8.04 -15.89 -2.69
N LYS B 160 7.90 -14.97 -3.63
CA LYS B 160 6.66 -14.23 -3.82
C LYS B 160 5.46 -15.16 -3.98
N ASN B 161 5.61 -16.18 -4.83
CA ASN B 161 4.57 -17.16 -5.10
C ASN B 161 4.12 -17.92 -3.84
N LEU B 162 5.08 -18.32 -3.01
CA LEU B 162 4.76 -18.95 -1.73
C LEU B 162 3.97 -18.01 -0.85
N PHE B 163 4.41 -16.74 -0.79
CA PHE B 163 3.75 -15.77 0.06
C PHE B 163 2.32 -15.51 -0.41
N ASP B 164 2.11 -15.39 -1.73
CA ASP B 164 0.76 -15.26 -2.26
C ASP B 164 -0.18 -16.35 -1.75
N GLN B 165 0.32 -17.58 -1.58
CA GLN B 165 -0.50 -18.71 -1.17
C GLN B 165 -0.78 -18.78 0.34
N GLU B 166 0.08 -18.15 1.13
CA GLU B 166 -0.05 -18.16 2.60
C GLU B 166 -0.90 -17.02 3.13
N LEU B 167 -0.97 -15.91 2.40
CA LEU B 167 -1.83 -14.78 2.79
C LEU B 167 -3.33 -15.12 2.70
N GLU B 168 -4.12 -14.39 3.48
CA GLU B 168 -5.56 -14.63 3.55
C GLU B 168 -6.29 -14.04 2.35
N SER B 169 -5.89 -12.85 1.92
CA SER B 169 -6.45 -12.26 0.71
C SER B 169 -5.63 -12.76 -0.46
N LYS B 170 -6.30 -13.39 -1.43
CA LYS B 170 -5.60 -14.18 -2.49
C LYS B 170 -5.56 -13.53 -3.86
N CYS B 171 -4.76 -14.10 -4.75
CA CYS B 171 -4.78 -13.76 -6.16
C CYS B 171 -6.16 -14.09 -6.73
N PRO B 172 -6.61 -13.31 -7.71
CA PRO B 172 -5.98 -12.10 -8.24
C PRO B 172 -6.14 -10.96 -7.25
N ASN B 173 -5.10 -10.13 -7.14
CA ASN B 173 -5.12 -8.99 -6.23
C ASN B 173 -6.03 -7.90 -6.74
N PRO B 174 -6.42 -6.96 -5.86
CA PRO B 174 -7.32 -5.90 -6.35
C PRO B 174 -6.72 -5.11 -7.53
N ASP B 175 -7.53 -4.90 -8.56
CA ASP B 175 -7.21 -4.03 -9.71
C ASP B 175 -7.39 -2.56 -9.29
N LEU B 176 -8.38 -2.35 -8.44
CA LEU B 176 -8.84 -1.02 -8.06
C LEU B 176 -9.22 -1.00 -6.61
N LEU B 177 -8.81 0.04 -5.90
CA LEU B 177 -9.17 0.27 -4.51
C LEU B 177 -9.97 1.56 -4.45
N ILE B 178 -11.15 1.50 -3.86
CA ILE B 178 -12.00 2.68 -3.69
C ILE B 178 -12.13 2.96 -2.22
N ARG B 179 -11.80 4.18 -1.83
CA ARG B 179 -11.96 4.59 -0.47
C ARG B 179 -12.87 5.82 -0.42
N THR B 180 -14.00 5.66 0.26
CA THR B 180 -14.97 6.74 0.49
C THR B 180 -14.56 7.50 1.74
N GLY B 181 -15.03 8.73 1.88
CA GLY B 181 -14.85 9.46 3.14
C GLY B 181 -13.77 10.51 3.17
N GLY B 182 -12.94 10.57 2.13
CA GLY B 182 -12.02 11.68 1.95
C GLY B 182 -10.59 11.51 2.44
N ASP B 183 -10.31 10.51 3.27
CA ASP B 183 -8.95 10.25 3.67
C ASP B 183 -8.22 9.52 2.54
N GLN B 184 -6.94 9.81 2.39
CA GLN B 184 -6.14 9.24 1.31
C GLN B 184 -5.05 8.33 1.87
N ARG B 185 -5.46 7.36 2.67
CA ARG B 185 -4.58 6.32 3.15
C ARG B 185 -5.23 4.95 3.00
N VAL B 186 -4.45 3.90 3.22
CA VAL B 186 -4.96 2.53 3.12
C VAL B 186 -5.26 1.95 4.50
N SER B 187 -4.80 2.63 5.56
CA SER B 187 -5.12 2.28 6.94
C SER B 187 -4.95 0.81 7.24
N ASN B 188 -3.79 0.24 6.87
CA ASN B 188 -3.49 -1.13 7.19
C ASN B 188 -4.53 -2.13 6.67
N PHE B 189 -5.03 -1.88 5.46
CA PHE B 189 -5.86 -2.82 4.73
C PHE B 189 -4.88 -3.79 3.99
N LEU B 190 -5.07 -4.08 2.71
CA LEU B 190 -4.40 -5.21 2.04
C LEU B 190 -3.00 -4.87 1.52
N LEU B 191 -2.04 -4.65 2.43
CA LEU B 191 -0.73 -4.06 2.08
C LEU B 191 0.05 -4.79 0.96
N TRP B 192 0.34 -6.07 1.14
CA TRP B 192 1.04 -6.86 0.13
C TRP B 192 0.28 -6.86 -1.19
N GLN B 193 -1.04 -7.03 -1.08
CA GLN B 193 -1.93 -7.23 -2.19
C GLN B 193 -2.20 -5.94 -3.00
N LEU B 194 -1.86 -4.78 -2.45
CA LEU B 194 -2.08 -3.50 -3.11
C LEU B 194 -0.89 -2.97 -3.88
N ALA B 195 0.15 -3.79 -4.09
CA ALA B 195 1.40 -3.34 -4.69
C ALA B 195 1.21 -2.66 -6.05
N TYR B 196 0.25 -3.12 -6.85
CA TYR B 196 0.02 -2.51 -8.16
C TYR B 196 -1.39 -2.00 -8.37
N THR B 197 -2.19 -1.99 -7.30
CA THR B 197 -3.57 -1.59 -7.36
C THR B 197 -3.70 -0.09 -7.69
N GLU B 198 -4.63 0.26 -8.57
CA GLU B 198 -4.98 1.65 -8.81
C GLU B 198 -5.85 2.17 -7.66
N PHE B 199 -5.47 3.31 -7.10
CA PHE B 199 -6.22 3.93 -6.00
C PHE B 199 -7.19 5.00 -6.47
N TYR B 200 -8.41 4.92 -5.96
CA TYR B 200 -9.42 5.93 -6.20
C TYR B 200 -9.97 6.42 -4.88
N PHE B 201 -9.80 7.70 -4.62
CA PHE B 201 -10.27 8.29 -3.38
C PHE B 201 -11.39 9.27 -3.70
N THR B 202 -12.45 9.25 -2.89
CA THR B 202 -13.56 10.20 -3.04
C THR B 202 -14.00 10.75 -1.67
N LYS B 203 -14.39 12.02 -1.66
CA LYS B 203 -14.97 12.64 -0.46
C LYS B 203 -16.39 12.13 -0.15
N THR B 204 -17.05 11.53 -1.13
CA THR B 204 -18.37 10.94 -0.89
C THR B 204 -18.33 9.97 0.28
N LEU B 205 -19.27 10.15 1.20
CA LEU B 205 -19.37 9.33 2.38
C LEU B 205 -20.03 8.01 1.96
N PHE B 206 -19.71 6.93 2.65
CA PHE B 206 -20.11 5.60 2.21
C PHE B 206 -21.62 5.45 2.01
N PRO B 207 -22.43 5.95 2.95
CA PRO B 207 -23.89 5.88 2.79
C PRO B 207 -24.46 6.61 1.55
N ASP B 208 -23.74 7.60 1.04
CA ASP B 208 -24.13 8.31 -0.18
C ASP B 208 -23.48 7.74 -1.45
N PHE B 209 -22.63 6.72 -1.31
CA PHE B 209 -21.92 6.14 -2.46
C PHE B 209 -22.89 5.34 -3.33
N GLY B 210 -22.97 5.68 -4.61
CA GLY B 210 -23.95 5.05 -5.49
C GLY B 210 -23.39 4.52 -6.78
N GLU B 211 -24.28 4.04 -7.64
CA GLU B 211 -23.89 3.47 -8.92
C GLU B 211 -23.04 4.41 -9.79
N GLU B 212 -23.36 5.70 -9.79
CA GLU B 212 -22.58 6.67 -10.59
C GLU B 212 -21.16 6.82 -10.08
N ASP B 213 -21.01 6.92 -8.77
CA ASP B 213 -19.71 7.02 -8.13
C ASP B 213 -18.87 5.78 -8.45
N LEU B 214 -19.50 4.61 -8.44
CA LEU B 214 -18.79 3.36 -8.74
C LEU B 214 -18.34 3.30 -10.19
N LYS B 215 -19.22 3.70 -11.11
CA LYS B 215 -18.90 3.70 -12.53
C LYS B 215 -17.83 4.73 -12.88
N GLU B 216 -17.86 5.86 -12.17
CA GLU B 216 -16.81 6.88 -12.22
C GLU B 216 -15.44 6.33 -11.81
N ALA B 217 -15.40 5.51 -10.75
CA ALA B 217 -14.14 4.88 -10.31
C ALA B 217 -13.60 3.95 -11.38
N ILE B 218 -14.50 3.18 -11.97
CA ILE B 218 -14.15 2.20 -12.99
C ILE B 218 -13.66 2.85 -14.30
N ILE B 219 -14.34 3.88 -14.77
CA ILE B 219 -13.90 4.60 -15.97
C ILE B 219 -12.49 5.14 -15.75
N ASN B 220 -12.27 5.75 -14.59
CA ASN B 220 -10.94 6.21 -14.18
C ASN B 220 -9.89 5.10 -14.24
N PHE B 221 -10.21 3.97 -13.65
CA PHE B 221 -9.37 2.79 -13.70
C PHE B 221 -9.07 2.34 -15.14
N GLN B 222 -10.09 2.37 -15.99
CA GLN B 222 -9.96 1.98 -17.40
C GLN B 222 -9.05 2.94 -18.16
N GLN B 223 -9.11 4.22 -17.80
CA GLN B 223 -8.26 5.23 -18.44
C GLN B 223 -6.78 5.13 -18.07
N ARG B 224 -6.46 4.46 -16.97
CA ARG B 224 -5.10 4.36 -16.49
C ARG B 224 -4.52 2.95 -16.69
N HIS B 225 -5.21 2.14 -17.49
CA HIS B 225 -4.78 0.76 -17.69
C HIS B 225 -3.55 0.71 -18.60
N ARG B 226 -2.49 0.04 -18.14
CA ARG B 226 -1.26 -0.16 -18.90
C ARG B 226 -0.57 -1.47 -18.50
N ARG B 227 0.41 -1.91 -19.30
CA ARG B 227 1.03 -3.24 -19.16
C ARG B 227 -0.01 -4.36 -19.37
#